data_4I48
#
_entry.id   4I48
#
_cell.length_a   48.853
_cell.length_b   68.194
_cell.length_c   72.795
_cell.angle_alpha   90.00
_cell.angle_beta   100.23
_cell.angle_gamma   90.00
#
_symmetry.space_group_name_H-M   'P 1 21 1'
#
loop_
_entity.id
_entity.type
_entity.pdbx_description
1 polymer 'HLA class I histocompatibility antigen, A-68 alpha chain'
2 polymer Beta-2-microglobulin
3 polymer '9-mer peptide from Envelope glycoprotein gp160'
4 water water
#
loop_
_entity_poly.entity_id
_entity_poly.type
_entity_poly.pdbx_seq_one_letter_code
_entity_poly.pdbx_strand_id
1 'polypeptide(L)'
;GSHSMRYFYTSMSRPGRGEPRFIAVGYVDDTQFVRFDSDAASQRMEPRAPWIEQEGPEYWDRNTRNVKAQSQTDRVDLGT
LRGYYNQSEAGSHTIQRMYGCDVGPDGRFLRGYHQYAYDGKDYIALKEDLRSWTAADMAAQTTKHKWEAAHVAEQWRAYL
EGTCVEWLRRYLENGKETLQRTDAPKTHMTHHAVSDHEATLRCWALSFYPAEITLTWQRDGEDQTQDTELVETRPAGDGT
FQKWVAVVVPSGQEQRYTCHVQHEGLPKPLTLKW
;
A
2 'polypeptide(L)'
;IQRTPKIQVYSRHPAENGKSNFLNCYVSGFHPSDIEVDLLKNGERIEKVEHSDLSFSKDWSFYLLYYTEFTPTEKDEYAC
RVNHVTLSQPKIVKWDRDM
;
B
3 'polypeptide(L)' TLTSCNTSV C
#
# COMPACT_ATOMS: atom_id res chain seq x y z
N GLY A 1 -16.49 10.81 -0.35
CA GLY A 1 -17.81 10.45 0.13
C GLY A 1 -18.01 8.96 0.18
N SER A 2 -17.50 8.26 -0.83
CA SER A 2 -17.61 6.80 -0.91
C SER A 2 -16.59 6.12 0.00
N HIS A 3 -16.74 4.81 0.17
CA HIS A 3 -15.88 4.03 1.05
C HIS A 3 -15.63 2.63 0.49
N SER A 4 -14.62 1.94 1.02
CA SER A 4 -14.18 0.67 0.45
C SER A 4 -13.52 -0.25 1.47
N MET A 5 -13.79 -1.55 1.36
CA MET A 5 -13.09 -2.54 2.17
C MET A 5 -12.32 -3.52 1.28
N ARG A 6 -11.05 -3.74 1.59
CA ARG A 6 -10.17 -4.56 0.76
C ARG A 6 -9.27 -5.46 1.60
N TYR A 7 -9.28 -6.76 1.29
CA TYR A 7 -8.35 -7.70 1.89
C TYR A 7 -7.28 -8.10 0.88
N PHE A 8 -6.05 -8.20 1.37
CA PHE A 8 -4.90 -8.58 0.56
C PHE A 8 -4.17 -9.77 1.18
N TYR A 9 -4.01 -10.85 0.41
CA TYR A 9 -3.24 -12.01 0.83
C TYR A 9 -1.99 -12.15 -0.02
N THR A 10 -0.90 -12.58 0.60
CA THR A 10 0.33 -12.89 -0.13
C THR A 10 0.98 -14.14 0.45
N SER A 11 1.34 -15.07 -0.42
CA SER A 11 2.04 -16.27 0.02
C SER A 11 3.31 -16.45 -0.81
N MET A 12 4.44 -16.65 -0.13
CA MET A 12 5.71 -16.79 -0.82
C MET A 12 6.42 -18.08 -0.43
N SER A 13 6.85 -18.83 -1.44
CA SER A 13 7.61 -20.04 -1.23
C SER A 13 9.07 -19.68 -1.00
N ARG A 14 9.69 -20.35 -0.03
CA ARG A 14 11.12 -20.15 0.23
C ARG A 14 11.85 -21.49 0.36
N PRO A 15 11.94 -22.24 -0.76
CA PRO A 15 12.51 -23.59 -0.78
C PRO A 15 13.96 -23.60 -0.33
N GLY A 16 14.19 -24.09 0.88
CA GLY A 16 15.52 -24.08 1.46
C GLY A 16 15.60 -23.08 2.59
N ARG A 17 14.79 -22.03 2.48
CA ARG A 17 14.71 -21.04 3.55
C ARG A 17 13.59 -21.41 4.51
N GLY A 18 12.75 -22.37 4.10
CA GLY A 18 11.70 -22.87 4.97
C GLY A 18 10.37 -23.15 4.30
N GLU A 19 9.32 -23.14 5.11
CA GLU A 19 7.96 -23.42 4.66
C GLU A 19 7.21 -22.11 4.40
N PRO A 20 6.62 -21.98 3.21
CA PRO A 20 5.91 -20.82 2.65
C PRO A 20 5.31 -19.86 3.67
N ARG A 21 5.62 -18.57 3.50
CA ARG A 21 5.10 -17.54 4.40
C ARG A 21 3.77 -16.98 3.89
N PHE A 22 2.87 -16.68 4.81
CA PHE A 22 1.56 -16.13 4.47
C PHE A 22 1.28 -14.85 5.25
N ILE A 23 0.94 -13.79 4.53
CA ILE A 23 0.66 -12.49 5.14
C ILE A 23 -0.68 -11.98 4.65
N ALA A 24 -1.51 -11.51 5.59
CA ALA A 24 -2.85 -11.06 5.25
C ALA A 24 -3.19 -9.73 5.92
N VAL A 25 -3.62 -8.76 5.12
CA VAL A 25 -3.99 -7.45 5.66
C VAL A 25 -5.39 -7.03 5.24
N GLY A 26 -6.03 -6.22 6.07
CA GLY A 26 -7.35 -5.71 5.78
C GLY A 26 -7.42 -4.21 5.94
N TYR A 27 -7.82 -3.52 4.87
CA TYR A 27 -7.94 -2.08 4.90
C TYR A 27 -9.40 -1.66 4.71
N VAL A 28 -9.81 -0.65 5.44
CA VAL A 28 -11.03 0.04 5.10
C VAL A 28 -10.41 1.31 4.58
N ASP A 29 -10.64 1.57 3.31
CA ASP A 29 -10.18 2.78 2.68
C ASP A 29 -8.68 2.74 2.78
N ASP A 30 -8.10 3.80 3.31
CA ASP A 30 -6.65 3.86 3.46
C ASP A 30 -6.24 3.61 4.91
N THR A 31 -6.99 2.75 5.59
CA THR A 31 -6.77 2.49 7.00
C THR A 31 -6.77 1.01 7.33
N GLN A 32 -5.61 0.48 7.68
CA GLN A 32 -5.49 -0.93 8.02
C GLN A 32 -6.07 -1.21 9.41
N PHE A 33 -6.81 -2.30 9.53
CA PHE A 33 -7.42 -2.65 10.82
C PHE A 33 -7.02 -4.02 11.35
N VAL A 34 -6.71 -4.94 10.45
CA VAL A 34 -6.28 -6.28 10.86
C VAL A 34 -5.06 -6.75 10.09
N ARG A 35 -4.32 -7.68 10.69
CA ARG A 35 -3.14 -8.26 10.05
C ARG A 35 -2.85 -9.65 10.59
N PHE A 36 -2.21 -10.46 9.76
CA PHE A 36 -1.77 -11.78 10.17
C PHE A 36 -0.50 -12.17 9.43
N ASP A 37 0.41 -12.83 10.13
CA ASP A 37 1.65 -13.29 9.54
C ASP A 37 1.90 -14.73 9.97
N SER A 38 2.44 -15.55 9.06
CA SER A 38 2.70 -16.95 9.36
C SER A 38 3.96 -17.09 10.21
N ASP A 39 4.86 -16.12 10.09
CA ASP A 39 6.08 -16.12 10.89
C ASP A 39 5.86 -15.40 12.21
N ALA A 40 4.63 -14.95 12.44
CA ALA A 40 4.31 -14.20 13.65
C ALA A 40 4.33 -15.10 14.86
N ALA A 41 4.61 -14.51 16.01
CA ALA A 41 4.65 -15.24 17.26
C ALA A 41 3.25 -15.68 17.67
N SER A 42 2.34 -14.72 17.83
CA SER A 42 1.00 -14.99 18.32
C SER A 42 0.23 -15.92 17.39
N GLN A 43 0.49 -15.76 16.09
CA GLN A 43 -0.24 -16.48 15.05
C GLN A 43 -1.74 -16.29 15.19
N ARG A 44 -2.12 -15.15 15.75
CA ARG A 44 -3.52 -14.80 15.92
C ARG A 44 -3.87 -13.66 14.97
N MET A 45 -5.11 -13.63 14.52
CA MET A 45 -5.59 -12.48 13.76
C MET A 45 -5.57 -11.28 14.69
N GLU A 46 -4.61 -10.38 14.48
CA GLU A 46 -4.40 -9.27 15.39
C GLU A 46 -5.16 -8.02 14.95
N PRO A 47 -5.43 -7.12 15.91
CA PRO A 47 -5.98 -5.80 15.58
C PRO A 47 -4.88 -4.83 15.16
N ARG A 48 -5.23 -3.86 14.33
CA ARG A 48 -4.26 -2.85 13.89
C ARG A 48 -4.86 -1.45 14.00
N ALA A 49 -6.15 -1.39 14.31
CA ALA A 49 -6.83 -0.12 14.53
C ALA A 49 -7.63 -0.21 15.83
N PRO A 50 -7.68 0.90 16.59
CA PRO A 50 -8.36 0.92 17.89
C PRO A 50 -9.86 0.62 17.79
N TRP A 51 -10.46 0.92 16.65
CA TRP A 51 -11.91 0.86 16.50
C TRP A 51 -12.48 -0.50 16.12
N ILE A 52 -11.63 -1.52 16.11
CA ILE A 52 -12.07 -2.86 15.75
C ILE A 52 -11.82 -3.82 16.92
N GLU A 53 -11.15 -3.31 17.94
CA GLU A 53 -10.86 -4.10 19.13
C GLU A 53 -12.15 -4.47 19.86
N GLN A 54 -13.20 -3.68 19.64
CA GLN A 54 -14.49 -3.92 20.24
C GLN A 54 -15.23 -5.09 19.57
N GLU A 55 -14.60 -6.25 19.57
CA GLU A 55 -15.19 -7.46 19.03
C GLU A 55 -14.94 -8.65 19.96
N GLY A 56 -15.99 -9.41 20.24
CA GLY A 56 -15.90 -10.56 21.13
C GLY A 56 -14.90 -11.58 20.63
N PRO A 57 -14.37 -12.40 21.54
CA PRO A 57 -13.35 -13.41 21.20
C PRO A 57 -13.76 -14.32 20.03
N GLU A 58 -15.06 -14.47 19.80
CA GLU A 58 -15.55 -15.29 18.70
C GLU A 58 -15.14 -14.71 17.35
N TYR A 59 -15.06 -13.38 17.29
CA TYR A 59 -14.58 -12.67 16.12
C TYR A 59 -13.13 -13.09 15.86
N TRP A 60 -12.31 -12.90 16.89
CA TRP A 60 -10.88 -13.21 16.84
C TRP A 60 -10.61 -14.70 16.71
N ASP A 61 -11.65 -15.52 16.82
CA ASP A 61 -11.52 -16.96 16.61
C ASP A 61 -11.86 -17.31 15.18
N ARG A 62 -13.05 -16.89 14.75
CA ARG A 62 -13.54 -17.12 13.40
C ARG A 62 -12.54 -16.62 12.36
N ASN A 63 -12.09 -15.39 12.52
CA ASN A 63 -11.13 -14.82 11.57
C ASN A 63 -9.81 -15.57 11.55
N THR A 64 -9.35 -15.99 12.73
CA THR A 64 -8.09 -16.72 12.84
C THR A 64 -8.18 -18.08 12.14
N ARG A 65 -9.28 -18.79 12.40
CA ARG A 65 -9.58 -20.05 11.73
C ARG A 65 -9.49 -19.84 10.23
N ASN A 66 -10.24 -18.85 9.74
CA ASN A 66 -10.28 -18.57 8.31
C ASN A 66 -8.92 -18.28 7.69
N VAL A 67 -8.13 -17.43 8.35
CA VAL A 67 -6.82 -17.07 7.80
C VAL A 67 -5.83 -18.25 7.82
N LYS A 68 -5.89 -19.06 8.87
CA LYS A 68 -5.04 -20.25 8.93
C LYS A 68 -5.39 -21.20 7.80
N ALA A 69 -6.68 -21.48 7.67
CA ALA A 69 -7.19 -22.37 6.62
C ALA A 69 -6.75 -21.88 5.24
N GLN A 70 -6.96 -20.59 4.99
CA GLN A 70 -6.58 -19.99 3.72
C GLN A 70 -5.09 -20.09 3.47
N SER A 71 -4.29 -19.98 4.53
CA SER A 71 -2.86 -20.14 4.42
C SER A 71 -2.50 -21.56 3.96
N GLN A 72 -3.19 -22.55 4.53
CA GLN A 72 -2.96 -23.94 4.12
C GLN A 72 -3.34 -24.18 2.66
N THR A 73 -4.53 -23.75 2.27
CA THR A 73 -4.96 -23.92 0.87
C THR A 73 -4.05 -23.16 -0.10
N ASP A 74 -3.49 -22.04 0.35
CA ASP A 74 -2.52 -21.30 -0.45
C ASP A 74 -1.24 -22.12 -0.60
N ARG A 75 -0.87 -22.79 0.49
CA ARG A 75 0.28 -23.70 0.45
C ARG A 75 0.04 -24.76 -0.62
N VAL A 76 -1.20 -25.23 -0.70
CA VAL A 76 -1.57 -26.17 -1.77
C VAL A 76 -1.41 -25.54 -3.16
N ASP A 77 -2.02 -24.37 -3.35
CA ASP A 77 -1.99 -23.70 -4.65
C ASP A 77 -0.58 -23.41 -5.14
N LEU A 78 0.35 -23.26 -4.21
CA LEU A 78 1.76 -23.07 -4.56
C LEU A 78 2.34 -24.23 -5.37
N GLY A 79 2.31 -25.42 -4.77
CA GLY A 79 2.78 -26.62 -5.45
C GLY A 79 1.93 -26.96 -6.65
N THR A 80 0.63 -26.65 -6.55
CA THR A 80 -0.30 -26.89 -7.63
C THR A 80 0.15 -26.14 -8.89
N LEU A 81 0.22 -24.81 -8.77
CA LEU A 81 0.65 -23.97 -9.87
C LEU A 81 2.10 -24.27 -10.28
N ARG A 82 2.88 -24.78 -9.33
CA ARG A 82 4.25 -25.21 -9.62
C ARG A 82 4.22 -26.43 -10.54
N GLY A 83 3.14 -27.20 -10.42
CA GLY A 83 2.92 -28.34 -11.30
C GLY A 83 2.43 -27.90 -12.67
N TYR A 84 1.48 -26.97 -12.68
CA TYR A 84 0.92 -26.45 -13.94
C TYR A 84 1.96 -25.98 -14.94
N TYR A 85 2.69 -24.93 -14.58
CA TYR A 85 3.69 -24.34 -15.47
C TYR A 85 4.97 -25.15 -15.48
N ASN A 86 4.94 -26.31 -14.82
CA ASN A 86 6.11 -27.19 -14.70
C ASN A 86 7.32 -26.44 -14.18
N GLN A 87 7.28 -26.09 -12.90
CA GLN A 87 8.35 -25.31 -12.28
C GLN A 87 9.16 -26.18 -11.33
N SER A 88 10.46 -25.91 -11.27
CA SER A 88 11.38 -26.69 -10.44
C SER A 88 11.00 -26.61 -8.97
N GLU A 89 11.51 -27.56 -8.19
CA GLU A 89 11.29 -27.56 -6.75
C GLU A 89 12.00 -26.36 -6.14
N ALA A 90 13.04 -25.91 -6.82
CA ALA A 90 13.94 -24.88 -6.29
C ALA A 90 13.36 -23.46 -6.29
N GLY A 91 12.75 -23.08 -7.39
CA GLY A 91 12.31 -21.70 -7.60
C GLY A 91 11.36 -21.14 -6.55
N SER A 92 11.48 -19.83 -6.30
CA SER A 92 10.60 -19.13 -5.37
C SER A 92 9.50 -18.40 -6.12
N HIS A 93 8.25 -18.63 -5.72
CA HIS A 93 7.11 -18.06 -6.42
C HIS A 93 6.09 -17.43 -5.48
N THR A 94 5.28 -16.53 -6.02
CA THR A 94 4.38 -15.74 -5.21
C THR A 94 2.94 -15.87 -5.64
N ILE A 95 2.04 -16.07 -4.68
CA ILE A 95 0.62 -15.98 -5.00
C ILE A 95 -0.02 -14.82 -4.23
N GLN A 96 -0.64 -13.91 -4.98
CA GLN A 96 -1.28 -12.76 -4.36
C GLN A 96 -2.77 -12.84 -4.64
N ARG A 97 -3.57 -12.38 -3.69
CA ARG A 97 -5.03 -12.50 -3.80
C ARG A 97 -5.73 -11.32 -3.16
N MET A 98 -6.41 -10.52 -3.97
CA MET A 98 -7.09 -9.33 -3.45
C MET A 98 -8.59 -9.45 -3.60
N TYR A 99 -9.35 -9.02 -2.59
CA TYR A 99 -10.81 -9.06 -2.72
C TYR A 99 -11.50 -8.08 -1.79
N GLY A 100 -12.66 -7.57 -2.20
CA GLY A 100 -13.39 -6.66 -1.34
C GLY A 100 -14.45 -5.84 -2.04
N CYS A 101 -15.15 -5.00 -1.29
CA CYS A 101 -16.30 -4.29 -1.83
C CYS A 101 -16.28 -2.78 -1.66
N ASP A 102 -17.15 -2.10 -2.41
CA ASP A 102 -17.27 -0.65 -2.36
C ASP A 102 -18.69 -0.23 -1.99
N VAL A 103 -18.81 0.86 -1.24
CA VAL A 103 -20.12 1.43 -0.93
C VAL A 103 -20.11 2.94 -1.12
N GLY A 104 -21.27 3.50 -1.43
CA GLY A 104 -21.39 4.94 -1.56
C GLY A 104 -21.54 5.57 -0.19
N PRO A 105 -21.77 6.91 -0.15
CA PRO A 105 -22.08 7.57 1.12
C PRO A 105 -23.41 7.04 1.65
N ASP A 106 -24.26 6.62 0.72
CA ASP A 106 -25.56 6.03 1.05
C ASP A 106 -25.43 4.70 1.76
N GLY A 107 -24.29 4.04 1.60
CA GLY A 107 -24.06 2.73 2.17
C GLY A 107 -24.51 1.64 1.23
N ARG A 108 -25.10 2.05 0.10
CA ARG A 108 -25.57 1.13 -0.92
C ARG A 108 -24.37 0.34 -1.47
N PHE A 109 -24.61 -0.92 -1.79
CA PHE A 109 -23.57 -1.71 -2.44
C PHE A 109 -23.30 -1.13 -3.84
N LEU A 110 -22.04 -1.04 -4.21
CA LEU A 110 -21.66 -0.42 -5.47
C LEU A 110 -20.90 -1.37 -6.39
N ARG A 111 -19.92 -2.08 -5.82
CA ARG A 111 -19.07 -2.95 -6.64
C ARG A 111 -18.32 -3.99 -5.82
N GLY A 112 -18.04 -5.12 -6.44
CA GLY A 112 -17.30 -6.21 -5.81
C GLY A 112 -16.00 -6.51 -6.54
N TYR A 113 -15.05 -7.11 -5.84
CA TYR A 113 -13.73 -7.39 -6.38
C TYR A 113 -13.17 -8.71 -5.90
N HIS A 114 -12.60 -9.48 -6.83
CA HIS A 114 -11.79 -10.63 -6.48
C HIS A 114 -10.81 -10.91 -7.61
N GLN A 115 -9.52 -10.68 -7.34
CA GLN A 115 -8.47 -10.93 -8.32
C GLN A 115 -7.38 -11.81 -7.72
N TYR A 116 -6.75 -12.61 -8.58
CA TYR A 116 -5.74 -13.58 -8.16
C TYR A 116 -4.56 -13.57 -9.12
N ALA A 117 -3.37 -13.35 -8.55
CA ALA A 117 -2.16 -13.25 -9.33
C ALA A 117 -1.14 -14.30 -8.94
N TYR A 118 -0.37 -14.76 -9.92
CA TYR A 118 0.73 -15.66 -9.69
C TYR A 118 2.01 -15.01 -10.23
N ASP A 119 3.05 -14.94 -9.40
CA ASP A 119 4.31 -14.31 -9.76
C ASP A 119 4.16 -12.87 -10.25
N GLY A 120 3.15 -12.17 -9.74
CA GLY A 120 2.97 -10.76 -10.05
C GLY A 120 2.16 -10.45 -11.30
N LYS A 121 1.67 -11.50 -11.96
CA LYS A 121 0.85 -11.32 -13.15
C LYS A 121 -0.58 -11.74 -12.87
N ASP A 122 -1.54 -11.09 -13.51
CA ASP A 122 -2.93 -11.52 -13.44
C ASP A 122 -3.03 -12.98 -13.85
N TYR A 123 -3.52 -13.82 -12.95
CA TYR A 123 -3.73 -15.22 -13.27
C TYR A 123 -5.20 -15.43 -13.58
N ILE A 124 -6.06 -15.01 -12.66
CA ILE A 124 -7.49 -15.12 -12.88
C ILE A 124 -8.18 -13.99 -12.12
N ALA A 125 -9.40 -13.66 -12.52
CA ALA A 125 -10.14 -12.60 -11.84
C ALA A 125 -11.65 -12.79 -11.99
N LEU A 126 -12.40 -12.02 -11.22
CA LEU A 126 -13.86 -12.07 -11.28
C LEU A 126 -14.39 -10.75 -11.81
N LYS A 127 -15.31 -10.82 -12.77
CA LYS A 127 -15.86 -9.63 -13.40
C LYS A 127 -16.89 -8.94 -12.50
N GLU A 128 -17.41 -7.82 -12.96
CA GLU A 128 -18.37 -7.01 -12.19
C GLU A 128 -19.55 -7.84 -11.69
N ASP A 129 -20.10 -8.65 -12.56
CA ASP A 129 -21.32 -9.41 -12.29
C ASP A 129 -21.19 -10.42 -11.15
N LEU A 130 -19.97 -10.70 -10.73
CA LEU A 130 -19.68 -11.72 -9.71
C LEU A 130 -20.22 -13.09 -10.12
N ARG A 131 -20.18 -13.37 -11.42
CA ARG A 131 -20.71 -14.62 -11.95
C ARG A 131 -19.70 -15.30 -12.87
N SER A 132 -19.00 -14.50 -13.68
CA SER A 132 -18.09 -15.04 -14.69
C SER A 132 -16.61 -14.82 -14.39
N TRP A 133 -15.83 -15.89 -14.43
CA TRP A 133 -14.39 -15.81 -14.22
C TRP A 133 -13.67 -15.49 -15.52
N THR A 134 -12.62 -14.68 -15.42
CA THR A 134 -11.77 -14.36 -16.57
C THR A 134 -10.34 -14.83 -16.33
N ALA A 135 -9.84 -15.66 -17.23
CA ALA A 135 -8.51 -16.26 -17.11
C ALA A 135 -7.53 -15.68 -18.12
N ALA A 136 -6.35 -15.31 -17.66
CA ALA A 136 -5.39 -14.62 -18.50
C ALA A 136 -4.59 -15.54 -19.43
N ASP A 137 -4.29 -16.76 -18.97
CA ASP A 137 -3.47 -17.66 -19.75
C ASP A 137 -4.09 -19.05 -19.90
N MET A 138 -3.35 -19.95 -20.54
CA MET A 138 -3.80 -21.31 -20.77
C MET A 138 -4.16 -22.03 -19.48
N ALA A 139 -3.15 -22.34 -18.68
CA ALA A 139 -3.30 -23.12 -17.46
C ALA A 139 -4.34 -22.55 -16.49
N ALA A 140 -4.62 -21.25 -16.63
CA ALA A 140 -5.62 -20.60 -15.79
C ALA A 140 -7.03 -21.09 -16.12
N GLN A 141 -7.23 -21.52 -17.37
CA GLN A 141 -8.53 -22.05 -17.79
C GLN A 141 -8.86 -23.36 -17.09
N THR A 142 -7.82 -24.10 -16.68
CA THR A 142 -8.02 -25.34 -15.95
C THR A 142 -8.64 -25.02 -14.59
N THR A 143 -8.03 -24.06 -13.89
CA THR A 143 -8.55 -23.56 -12.63
C THR A 143 -9.97 -23.05 -12.82
N LYS A 144 -10.17 -22.30 -13.88
CA LYS A 144 -11.49 -21.74 -14.18
C LYS A 144 -12.51 -22.85 -14.36
N HIS A 145 -12.09 -23.97 -14.93
CA HIS A 145 -12.99 -25.11 -15.08
C HIS A 145 -13.30 -25.70 -13.71
N LYS A 146 -12.27 -25.82 -12.88
CA LYS A 146 -12.43 -26.37 -11.54
C LYS A 146 -13.37 -25.51 -10.68
N TRP A 147 -13.47 -24.23 -11.01
CA TRP A 147 -14.30 -23.31 -10.24
C TRP A 147 -15.66 -23.00 -10.89
N GLU A 148 -15.77 -23.30 -12.18
CA GLU A 148 -17.02 -23.09 -12.91
C GLU A 148 -18.03 -24.15 -12.50
N ALA A 149 -17.53 -25.34 -12.23
CA ALA A 149 -18.37 -26.49 -11.93
C ALA A 149 -18.48 -26.73 -10.43
N ALA A 150 -17.72 -25.97 -9.65
CA ALA A 150 -17.78 -26.07 -8.19
C ALA A 150 -18.64 -24.97 -7.59
N HIS A 151 -19.24 -24.15 -8.45
CA HIS A 151 -20.09 -23.03 -8.03
C HIS A 151 -19.40 -22.11 -7.03
N VAL A 152 -18.12 -21.83 -7.29
CA VAL A 152 -17.31 -20.99 -6.43
C VAL A 152 -17.75 -19.53 -6.52
N ALA A 153 -18.01 -19.08 -7.74
CA ALA A 153 -18.46 -17.71 -7.99
C ALA A 153 -19.73 -17.39 -7.22
N GLU A 154 -20.54 -18.42 -6.96
CA GLU A 154 -21.75 -18.25 -6.17
C GLU A 154 -21.42 -17.96 -4.72
N GLN A 155 -20.46 -18.70 -4.17
CA GLN A 155 -19.98 -18.45 -2.81
C GLN A 155 -19.43 -17.03 -2.72
N TRP A 156 -18.67 -16.62 -3.73
CA TRP A 156 -18.09 -15.28 -3.76
C TRP A 156 -19.15 -14.18 -3.82
N ARG A 157 -20.14 -14.34 -4.69
CA ARG A 157 -21.20 -13.35 -4.79
C ARG A 157 -22.01 -13.29 -3.51
N ALA A 158 -22.17 -14.46 -2.87
CA ALA A 158 -22.91 -14.56 -1.62
C ALA A 158 -22.18 -13.82 -0.50
N TYR A 159 -20.86 -13.94 -0.49
CA TYR A 159 -20.07 -13.25 0.53
C TYR A 159 -19.96 -11.74 0.28
N LEU A 160 -19.51 -11.37 -0.91
CA LEU A 160 -19.22 -9.99 -1.25
C LEU A 160 -20.45 -9.08 -1.19
N GLU A 161 -21.51 -9.46 -1.88
CA GLU A 161 -22.73 -8.65 -1.93
C GLU A 161 -23.52 -8.72 -0.61
N GLY A 162 -23.08 -9.57 0.31
CA GLY A 162 -23.77 -9.73 1.58
C GLY A 162 -22.91 -9.37 2.78
N THR A 163 -22.27 -10.39 3.35
CA THR A 163 -21.47 -10.26 4.57
C THR A 163 -20.44 -9.13 4.52
N CYS A 164 -19.77 -9.01 3.39
CA CYS A 164 -18.72 -8.00 3.19
C CYS A 164 -19.26 -6.58 3.39
N VAL A 165 -20.30 -6.24 2.63
CA VAL A 165 -20.92 -4.92 2.70
C VAL A 165 -21.43 -4.65 4.11
N GLU A 166 -22.00 -5.68 4.72
CA GLU A 166 -22.54 -5.60 6.07
C GLU A 166 -21.47 -5.17 7.06
N TRP A 167 -20.41 -5.97 7.16
CA TRP A 167 -19.33 -5.68 8.09
C TRP A 167 -18.61 -4.38 7.75
N LEU A 168 -18.64 -4.01 6.47
CA LEU A 168 -18.09 -2.73 6.04
C LEU A 168 -18.87 -1.58 6.68
N ARG A 169 -20.19 -1.62 6.51
CA ARG A 169 -21.06 -0.61 7.09
C ARG A 169 -20.88 -0.55 8.61
N ARG A 170 -20.81 -1.71 9.24
CA ARG A 170 -20.58 -1.79 10.68
C ARG A 170 -19.28 -1.09 11.09
N TYR A 171 -18.19 -1.43 10.41
CA TYR A 171 -16.89 -0.83 10.67
C TYR A 171 -16.94 0.69 10.54
N LEU A 172 -17.54 1.15 9.44
CA LEU A 172 -17.69 2.58 9.19
C LEU A 172 -18.42 3.29 10.33
N GLU A 173 -19.63 2.81 10.64
CA GLU A 173 -20.43 3.41 11.70
C GLU A 173 -19.70 3.41 13.04
N ASN A 174 -18.98 2.33 13.32
CA ASN A 174 -18.18 2.27 14.55
C ASN A 174 -17.10 3.34 14.57
N GLY A 175 -16.12 3.22 13.67
CA GLY A 175 -14.97 4.09 13.69
C GLY A 175 -15.19 5.49 13.14
N LYS A 176 -16.46 5.83 12.90
CA LYS A 176 -16.86 7.11 12.30
C LYS A 176 -15.96 8.33 12.62
N GLU A 177 -15.54 8.47 13.87
CA GLU A 177 -14.76 9.63 14.28
C GLU A 177 -13.29 9.54 13.86
N THR A 178 -12.95 8.51 13.10
CA THR A 178 -11.62 8.38 12.54
C THR A 178 -11.69 8.01 11.06
N LEU A 179 -12.69 7.20 10.71
CA LEU A 179 -12.84 6.69 9.35
C LEU A 179 -13.58 7.67 8.44
N GLN A 180 -14.39 8.53 9.03
CA GLN A 180 -15.18 9.49 8.25
C GLN A 180 -14.67 10.91 8.43
N ARG A 181 -13.52 11.04 9.08
CA ARG A 181 -12.83 12.33 9.17
C ARG A 181 -12.24 12.65 7.80
N THR A 182 -12.04 13.93 7.53
CA THR A 182 -11.35 14.33 6.31
C THR A 182 -10.26 15.33 6.65
N ASP A 183 -9.08 14.82 6.96
CA ASP A 183 -7.94 15.70 7.22
C ASP A 183 -7.57 16.46 5.95
N ALA A 184 -7.67 17.79 6.02
CA ALA A 184 -7.26 18.64 4.92
C ALA A 184 -5.74 18.74 4.93
N PRO A 185 -5.12 18.81 3.75
CA PRO A 185 -3.67 18.88 3.68
C PRO A 185 -3.12 20.22 4.14
N LYS A 186 -2.19 20.20 5.09
CA LYS A 186 -1.45 21.41 5.41
C LYS A 186 -0.45 21.59 4.28
N THR A 187 -0.53 22.72 3.59
CA THR A 187 0.29 22.93 2.41
C THR A 187 1.26 24.07 2.59
N HIS A 188 2.40 23.98 1.91
CA HIS A 188 3.37 25.08 1.94
C HIS A 188 4.35 24.91 0.80
N MET A 189 5.24 25.88 0.63
CA MET A 189 6.16 25.85 -0.49
C MET A 189 7.61 25.96 -0.07
N THR A 190 8.49 25.38 -0.87
CA THR A 190 9.93 25.55 -0.68
C THR A 190 10.54 25.97 -2.01
N HIS A 191 11.72 26.56 -1.94
CA HIS A 191 12.30 27.22 -3.10
C HIS A 191 13.83 27.17 -3.02
N HIS A 192 14.46 26.49 -3.98
CA HIS A 192 15.91 26.32 -3.92
C HIS A 192 16.61 26.54 -5.25
N ALA A 193 17.61 27.40 -5.27
CA ALA A 193 18.37 27.64 -6.49
C ALA A 193 19.02 26.35 -7.00
N VAL A 194 19.09 26.20 -8.32
CA VAL A 194 19.71 25.03 -8.93
C VAL A 194 20.89 25.44 -9.82
N SER A 195 20.68 26.43 -10.67
CA SER A 195 21.75 26.98 -11.47
C SER A 195 21.90 28.47 -11.17
N ASP A 196 22.64 29.18 -12.02
CA ASP A 196 22.79 30.61 -11.85
C ASP A 196 21.57 31.32 -12.40
N HIS A 197 20.67 30.55 -13.00
CA HIS A 197 19.53 31.13 -13.70
C HIS A 197 18.25 30.35 -13.44
N GLU A 198 18.35 29.23 -12.73
CA GLU A 198 17.19 28.40 -12.46
C GLU A 198 16.99 28.15 -10.97
N ALA A 199 15.78 27.74 -10.63
CA ALA A 199 15.45 27.37 -9.27
C ALA A 199 14.39 26.27 -9.27
N THR A 200 14.20 25.64 -8.13
CA THR A 200 13.16 24.65 -7.97
C THR A 200 12.10 25.18 -7.04
N LEU A 201 10.85 25.08 -7.49
CA LEU A 201 9.70 25.41 -6.67
C LEU A 201 9.02 24.10 -6.30
N ARG A 202 9.16 23.71 -5.03
CA ARG A 202 8.53 22.49 -4.56
C ARG A 202 7.27 22.79 -3.75
N CYS A 203 6.17 22.17 -4.16
CA CYS A 203 4.87 22.41 -3.54
C CYS A 203 4.48 21.21 -2.70
N TRP A 204 4.31 21.46 -1.40
CA TRP A 204 4.14 20.43 -0.38
C TRP A 204 2.72 20.31 0.14
N ALA A 205 2.21 19.08 0.15
CA ALA A 205 0.91 18.75 0.74
C ALA A 205 1.07 17.67 1.80
N LEU A 206 0.98 18.06 3.06
CA LEU A 206 1.28 17.14 4.17
C LEU A 206 0.07 16.86 5.05
N SER A 207 0.17 15.76 5.80
CA SER A 207 -0.76 15.42 6.87
C SER A 207 -2.22 15.29 6.46
N PHE A 208 -2.48 14.89 5.22
CA PHE A 208 -3.86 14.74 4.76
C PHE A 208 -4.38 13.31 4.84
N TYR A 209 -5.68 13.16 4.59
CA TYR A 209 -6.35 11.87 4.57
C TYR A 209 -7.76 12.10 4.03
N PRO A 210 -8.22 11.24 3.10
CA PRO A 210 -7.54 10.05 2.58
C PRO A 210 -6.44 10.38 1.57
N ALA A 211 -5.68 9.38 1.18
CA ALA A 211 -4.51 9.56 0.33
C ALA A 211 -4.81 10.22 -1.02
N GLU A 212 -6.01 9.98 -1.54
CA GLU A 212 -6.42 10.54 -2.82
C GLU A 212 -6.30 12.07 -2.83
N ILE A 213 -5.53 12.59 -3.79
CA ILE A 213 -5.20 14.01 -3.81
C ILE A 213 -4.63 14.37 -5.18
N THR A 214 -4.73 15.65 -5.57
CA THR A 214 -4.18 16.07 -6.85
C THR A 214 -3.38 17.36 -6.75
N LEU A 215 -2.12 17.31 -7.20
CA LEU A 215 -1.21 18.45 -7.14
C LEU A 215 -0.74 18.81 -8.52
N THR A 216 -0.94 20.06 -8.93
CA THR A 216 -0.57 20.46 -10.30
C THR A 216 0.14 21.81 -10.39
N TRP A 217 1.03 21.94 -11.37
CA TRP A 217 1.70 23.21 -11.62
C TRP A 217 1.11 23.89 -12.85
N GLN A 218 0.98 25.22 -12.78
CA GLN A 218 0.49 25.98 -13.91
C GLN A 218 1.40 27.16 -14.23
N ARG A 219 1.83 27.22 -15.48
CA ARG A 219 2.59 28.34 -16.00
C ARG A 219 1.63 29.39 -16.55
N ASP A 220 1.59 30.54 -15.89
CA ASP A 220 0.77 31.68 -16.32
C ASP A 220 -0.71 31.37 -16.51
N GLY A 221 -1.14 30.19 -16.06
CA GLY A 221 -2.54 29.81 -16.14
C GLY A 221 -2.79 28.53 -16.91
N GLU A 222 -1.75 27.96 -17.49
CA GLU A 222 -1.90 26.69 -18.20
C GLU A 222 -0.90 25.65 -17.69
N ASP A 223 -1.40 24.45 -17.42
CA ASP A 223 -0.63 23.39 -16.78
C ASP A 223 0.73 23.11 -17.41
N GLN A 224 1.69 22.73 -16.56
CA GLN A 224 2.99 22.28 -17.05
C GLN A 224 3.33 20.90 -16.50
N THR A 225 4.00 20.12 -17.34
CA THR A 225 4.56 18.85 -16.93
C THR A 225 6.02 18.90 -17.31
N GLN A 226 6.33 19.80 -18.24
CA GLN A 226 7.69 20.06 -18.65
C GLN A 226 8.45 20.61 -17.44
N ASP A 227 9.60 20.00 -17.16
CA ASP A 227 10.46 20.36 -16.03
C ASP A 227 9.81 20.12 -14.67
N THR A 228 8.89 19.15 -14.59
CA THR A 228 8.23 18.88 -13.32
C THR A 228 8.47 17.46 -12.82
N GLU A 229 8.54 17.32 -11.49
CA GLU A 229 8.63 15.99 -10.88
C GLU A 229 7.52 15.80 -9.85
N LEU A 230 6.81 14.69 -9.96
CA LEU A 230 5.71 14.37 -9.05
C LEU A 230 5.99 13.04 -8.38
N VAL A 231 6.03 13.04 -7.05
CA VAL A 231 6.32 11.81 -6.31
C VAL A 231 5.04 11.08 -5.94
N GLU A 232 5.15 9.76 -5.79
CA GLU A 232 4.03 8.94 -5.41
C GLU A 232 3.60 9.30 -3.99
N THR A 233 2.31 9.22 -3.71
CA THR A 233 1.78 9.48 -2.38
C THR A 233 2.42 8.55 -1.36
N ARG A 234 2.84 9.10 -0.24
CA ARG A 234 3.54 8.30 0.78
C ARG A 234 2.91 8.47 2.17
N PRO A 235 2.97 7.41 2.98
CA PRO A 235 2.42 7.47 4.34
C PRO A 235 3.34 8.25 5.27
N ALA A 236 2.75 8.99 6.20
CA ALA A 236 3.53 9.70 7.21
C ALA A 236 3.89 8.77 8.37
N GLY A 237 3.07 7.73 8.56
CA GLY A 237 3.28 6.79 9.64
C GLY A 237 2.42 7.10 10.84
N ASP A 238 1.43 7.96 10.63
CA ASP A 238 0.48 8.29 11.69
C ASP A 238 -0.95 8.07 11.23
N GLY A 239 -1.11 7.69 9.97
CA GLY A 239 -2.43 7.54 9.38
C GLY A 239 -2.68 8.58 8.32
N THR A 240 -1.89 9.65 8.34
CA THR A 240 -1.99 10.68 7.33
C THR A 240 -1.03 10.42 6.18
N PHE A 241 -1.11 11.23 5.15
CA PHE A 241 -0.29 11.02 3.96
C PHE A 241 0.41 12.30 3.51
N GLN A 242 1.48 12.14 2.75
CA GLN A 242 2.25 13.27 2.25
C GLN A 242 2.47 13.13 0.76
N LYS A 243 2.60 14.27 0.08
CA LYS A 243 2.91 14.28 -1.34
C LYS A 243 3.48 15.65 -1.71
N TRP A 244 4.31 15.70 -2.74
CA TRP A 244 4.74 16.98 -3.29
C TRP A 244 4.88 16.98 -4.80
N VAL A 245 5.04 18.16 -5.37
CA VAL A 245 5.37 18.26 -6.79
C VAL A 245 6.29 19.46 -7.00
N ALA A 246 7.37 19.27 -7.76
CA ALA A 246 8.32 20.35 -7.96
C ALA A 246 8.42 20.74 -9.41
N VAL A 247 8.82 21.99 -9.66
CA VAL A 247 9.08 22.42 -11.02
C VAL A 247 10.33 23.30 -11.08
N VAL A 248 11.18 23.05 -12.07
CA VAL A 248 12.34 23.90 -12.28
C VAL A 248 11.96 25.09 -13.16
N VAL A 249 12.14 26.29 -12.62
CA VAL A 249 11.74 27.51 -13.30
C VAL A 249 12.92 28.45 -13.47
N PRO A 250 12.83 29.37 -14.45
CA PRO A 250 13.89 30.38 -14.60
C PRO A 250 13.89 31.32 -13.41
N SER A 251 15.07 31.76 -12.97
CA SER A 251 15.18 32.67 -11.84
C SER A 251 14.45 33.98 -12.11
N GLY A 252 13.72 34.46 -11.11
CA GLY A 252 13.01 35.71 -11.23
C GLY A 252 11.61 35.58 -11.78
N GLN A 253 11.25 34.37 -12.21
CA GLN A 253 9.94 34.15 -12.83
C GLN A 253 9.04 33.26 -11.99
N GLU A 254 9.34 33.13 -10.70
CA GLU A 254 8.58 32.27 -9.81
C GLU A 254 7.14 32.74 -9.62
N GLN A 255 6.89 34.00 -9.92
CA GLN A 255 5.57 34.59 -9.76
C GLN A 255 4.58 34.08 -10.81
N ARG A 256 5.10 33.59 -11.93
CA ARG A 256 4.26 33.14 -13.02
C ARG A 256 3.68 31.75 -12.78
N TYR A 257 4.25 31.03 -11.82
CA TYR A 257 3.84 29.65 -11.57
C TYR A 257 2.87 29.56 -10.42
N THR A 258 1.89 28.67 -10.54
CA THR A 258 0.90 28.50 -9.49
C THR A 258 0.67 27.03 -9.21
N CYS A 259 0.76 26.66 -7.93
CA CYS A 259 0.50 25.29 -7.53
C CYS A 259 -0.96 25.15 -7.13
N HIS A 260 -1.56 24.03 -7.52
CA HIS A 260 -2.96 23.79 -7.24
C HIS A 260 -3.14 22.47 -6.50
N VAL A 261 -3.91 22.54 -5.41
CA VAL A 261 -4.13 21.39 -4.54
C VAL A 261 -5.60 21.01 -4.45
N GLN A 262 -5.92 19.75 -4.73
CA GLN A 262 -7.29 19.26 -4.63
C GLN A 262 -7.37 18.04 -3.72
N HIS A 263 -8.33 18.06 -2.80
CA HIS A 263 -8.50 16.99 -1.83
C HIS A 263 -9.91 17.08 -1.23
N GLU A 264 -10.50 15.93 -0.91
CA GLU A 264 -11.88 15.88 -0.42
C GLU A 264 -12.10 16.74 0.83
N GLY A 265 -11.09 16.79 1.69
CA GLY A 265 -11.17 17.54 2.93
C GLY A 265 -11.08 19.04 2.72
N LEU A 266 -10.99 19.47 1.46
CA LEU A 266 -11.01 20.89 1.12
C LEU A 266 -12.35 21.29 0.52
N PRO A 267 -12.93 22.38 1.04
CA PRO A 267 -14.16 22.94 0.45
C PRO A 267 -13.86 23.48 -0.94
N LYS A 268 -12.77 24.23 -1.03
CA LYS A 268 -12.36 24.84 -2.29
C LYS A 268 -10.87 24.63 -2.50
N PRO A 269 -10.50 24.12 -3.69
CA PRO A 269 -9.11 23.82 -4.08
C PRO A 269 -8.16 25.00 -3.86
N LEU A 270 -7.05 24.74 -3.19
CA LEU A 270 -6.10 25.80 -2.83
C LEU A 270 -5.19 26.18 -3.99
N THR A 271 -4.65 27.39 -3.92
CA THR A 271 -3.72 27.87 -4.93
C THR A 271 -2.56 28.58 -4.27
N LEU A 272 -1.39 27.96 -4.33
CA LEU A 272 -0.21 28.49 -3.69
C LEU A 272 0.75 29.13 -4.70
N LYS A 273 1.29 30.29 -4.33
CA LYS A 273 2.21 31.01 -5.21
C LYS A 273 3.40 31.54 -4.40
N TRP A 274 4.56 31.63 -5.04
CA TRP A 274 5.76 32.11 -4.37
C TRP A 274 5.98 33.60 -4.61
N ILE B 1 8.11 -11.93 -13.37
CA ILE B 1 8.47 -10.53 -13.56
C ILE B 1 9.21 -9.98 -12.36
N GLN B 2 9.97 -8.92 -12.58
CA GLN B 2 10.69 -8.28 -11.50
C GLN B 2 10.72 -6.77 -11.66
N ARG B 3 9.97 -6.07 -10.81
CA ARG B 3 10.01 -4.61 -10.79
C ARG B 3 10.92 -4.16 -9.65
N THR B 4 11.75 -3.15 -9.93
CA THR B 4 12.64 -2.60 -8.91
C THR B 4 11.87 -1.68 -7.97
N PRO B 5 12.27 -1.65 -6.69
CA PRO B 5 11.62 -0.75 -5.74
C PRO B 5 11.96 0.72 -5.95
N LYS B 6 10.96 1.57 -5.76
CA LYS B 6 11.12 3.00 -5.67
C LYS B 6 11.29 3.32 -4.19
N ILE B 7 12.22 4.23 -3.89
CA ILE B 7 12.61 4.52 -2.50
C ILE B 7 12.44 5.98 -2.12
N GLN B 8 11.83 6.24 -0.99
CA GLN B 8 11.71 7.61 -0.47
C GLN B 8 12.12 7.73 0.99
N VAL B 9 13.16 8.52 1.25
CA VAL B 9 13.56 8.80 2.62
C VAL B 9 13.07 10.18 3.03
N TYR B 10 12.30 10.24 4.11
CA TYR B 10 11.68 11.49 4.54
C TYR B 10 11.36 11.45 6.02
N SER B 11 10.91 12.58 6.58
CA SER B 11 10.52 12.65 7.98
C SER B 11 9.02 12.81 8.12
N ARG B 12 8.47 12.34 9.24
CA ARG B 12 7.04 12.45 9.47
C ARG B 12 6.58 13.91 9.55
N HIS B 13 7.48 14.77 10.02
CA HIS B 13 7.22 16.21 10.04
C HIS B 13 8.48 16.91 9.57
N PRO B 14 8.34 18.13 9.01
CA PRO B 14 9.51 18.87 8.52
C PRO B 14 10.63 18.90 9.56
N ALA B 15 11.87 18.80 9.10
CA ALA B 15 13.00 18.61 10.00
C ALA B 15 13.31 19.83 10.88
N GLU B 16 13.04 19.69 12.17
CA GLU B 16 13.38 20.71 13.15
C GLU B 16 14.41 20.14 14.13
N ASN B 17 15.65 20.61 14.03
CA ASN B 17 16.76 20.07 14.84
C ASN B 17 16.54 20.13 16.34
N GLY B 18 16.62 18.97 16.99
CA GLY B 18 16.45 18.90 18.42
C GLY B 18 15.04 18.52 18.84
N LYS B 19 14.16 18.31 17.87
CA LYS B 19 12.79 17.93 18.17
C LYS B 19 12.52 16.47 17.85
N SER B 20 11.69 15.83 18.68
CA SER B 20 11.33 14.43 18.49
C SER B 20 10.59 14.24 17.17
N ASN B 21 10.98 13.23 16.42
CA ASN B 21 10.45 13.01 15.08
C ASN B 21 10.52 11.54 14.69
N PHE B 22 10.09 11.23 13.46
CA PHE B 22 10.17 9.88 12.91
C PHE B 22 10.84 9.91 11.55
N LEU B 23 11.83 9.05 11.37
CA LEU B 23 12.48 8.85 10.08
C LEU B 23 11.82 7.69 9.34
N ASN B 24 11.39 7.99 8.11
CA ASN B 24 10.67 7.05 7.27
C ASN B 24 11.40 6.71 5.98
N CYS B 25 11.46 5.43 5.68
CA CYS B 25 11.88 4.94 4.37
C CYS B 25 10.75 4.14 3.76
N TYR B 26 10.22 4.66 2.64
CA TYR B 26 9.09 4.06 1.97
C TYR B 26 9.56 3.39 0.68
N VAL B 27 9.38 2.08 0.60
CA VAL B 27 9.72 1.36 -0.62
C VAL B 27 8.47 0.81 -1.27
N SER B 28 8.34 0.98 -2.58
CA SER B 28 7.12 0.56 -3.25
C SER B 28 7.34 0.22 -4.71
N GLY B 29 6.36 -0.41 -5.34
CA GLY B 29 6.44 -0.69 -6.77
C GLY B 29 7.44 -1.78 -7.08
N PHE B 30 7.66 -2.66 -6.12
CA PHE B 30 8.63 -3.74 -6.31
C PHE B 30 7.98 -5.12 -6.33
N HIS B 31 8.68 -6.06 -6.96
CA HIS B 31 8.29 -7.46 -7.00
C HIS B 31 9.56 -8.22 -7.31
N PRO B 32 9.80 -9.34 -6.61
CA PRO B 32 8.91 -9.97 -5.62
C PRO B 32 9.05 -9.36 -4.23
N SER B 33 8.43 -10.02 -3.24
CA SER B 33 8.26 -9.46 -1.91
C SER B 33 9.48 -9.67 -1.01
N ASP B 34 10.47 -10.39 -1.49
CA ASP B 34 11.68 -10.59 -0.71
C ASP B 34 12.53 -9.32 -0.75
N ILE B 35 12.41 -8.51 0.28
CA ILE B 35 13.14 -7.26 0.36
C ILE B 35 13.65 -7.02 1.78
N GLU B 36 14.80 -6.37 1.89
CA GLU B 36 15.37 -6.01 3.17
C GLU B 36 15.56 -4.50 3.24
N VAL B 37 15.11 -3.87 4.32
CA VAL B 37 15.24 -2.43 4.45
C VAL B 37 15.91 -2.03 5.75
N ASP B 38 17.00 -1.29 5.66
CA ASP B 38 17.70 -0.85 6.85
C ASP B 38 17.83 0.67 6.90
N LEU B 39 17.99 1.20 8.11
CA LEU B 39 18.19 2.63 8.31
C LEU B 39 19.58 2.87 8.88
N LEU B 40 20.32 3.80 8.28
CA LEU B 40 21.69 4.03 8.70
C LEU B 40 21.90 5.43 9.26
N LYS B 41 22.55 5.53 10.42
CA LYS B 41 22.92 6.80 11.01
C LYS B 41 24.42 6.98 10.88
N ASN B 42 24.84 7.91 10.03
CA ASN B 42 26.25 8.13 9.73
C ASN B 42 26.96 6.86 9.27
N GLY B 43 26.24 6.02 8.53
CA GLY B 43 26.82 4.82 7.95
C GLY B 43 26.47 3.54 8.70
N GLU B 44 26.14 3.66 9.98
CA GLU B 44 25.91 2.47 10.80
C GLU B 44 24.44 2.12 10.93
N ARG B 45 24.15 0.82 10.81
CA ARG B 45 22.79 0.30 10.92
C ARG B 45 22.11 0.75 12.21
N ILE B 46 20.80 0.99 12.15
CA ILE B 46 20.02 1.34 13.32
C ILE B 46 19.26 0.12 13.81
N GLU B 47 19.32 -0.13 15.11
CA GLU B 47 18.76 -1.36 15.67
C GLU B 47 17.24 -1.35 15.65
N LYS B 48 16.63 -0.60 16.57
CA LYS B 48 15.18 -0.57 16.71
C LYS B 48 14.51 0.06 15.50
N VAL B 49 14.25 -0.75 14.48
CA VAL B 49 13.57 -0.28 13.28
C VAL B 49 12.35 -1.14 12.95
N GLU B 50 11.19 -0.51 12.91
CA GLU B 50 9.95 -1.23 12.66
C GLU B 50 9.46 -1.00 11.24
N HIS B 51 8.51 -1.81 10.81
CA HIS B 51 7.97 -1.68 9.47
C HIS B 51 6.47 -1.94 9.44
N SER B 52 5.79 -1.38 8.45
CA SER B 52 4.36 -1.60 8.29
C SER B 52 4.12 -2.99 7.76
N ASP B 53 2.87 -3.44 7.78
CA ASP B 53 2.54 -4.76 7.30
C ASP B 53 2.47 -4.80 5.78
N LEU B 54 3.05 -5.85 5.20
CA LEU B 54 3.14 -6.02 3.75
C LEU B 54 1.79 -5.87 3.06
N SER B 55 1.81 -5.20 1.92
CA SER B 55 0.61 -4.99 1.12
C SER B 55 1.00 -4.54 -0.28
N PHE B 56 0.07 -4.64 -1.22
CA PHE B 56 0.36 -4.31 -2.61
C PHE B 56 -0.72 -3.46 -3.26
N SER B 57 -0.30 -2.63 -4.19
CA SER B 57 -1.20 -1.75 -4.93
C SER B 57 -1.90 -2.53 -6.05
N LYS B 58 -2.78 -1.85 -6.78
CA LYS B 58 -3.62 -2.50 -7.78
C LYS B 58 -2.82 -3.21 -8.86
N ASP B 59 -1.63 -2.69 -9.16
CA ASP B 59 -0.79 -3.30 -10.19
C ASP B 59 0.02 -4.49 -9.67
N TRP B 60 -0.33 -4.96 -8.47
CA TRP B 60 0.29 -6.12 -7.81
C TRP B 60 1.65 -5.87 -7.14
N SER B 61 2.26 -4.72 -7.39
CA SER B 61 3.57 -4.44 -6.80
C SER B 61 3.43 -4.11 -5.31
N PHE B 62 4.38 -4.58 -4.51
CA PHE B 62 4.31 -4.44 -3.07
C PHE B 62 4.77 -3.06 -2.57
N TYR B 63 4.34 -2.71 -1.36
CA TYR B 63 4.85 -1.52 -0.70
C TYR B 63 5.02 -1.74 0.80
N LEU B 64 6.01 -1.05 1.37
CA LEU B 64 6.33 -1.15 2.78
C LEU B 64 6.89 0.15 3.31
N LEU B 65 6.58 0.44 4.58
CA LEU B 65 7.08 1.62 5.27
C LEU B 65 7.92 1.22 6.47
N TYR B 66 9.23 1.48 6.41
CA TYR B 66 10.10 1.24 7.56
C TYR B 66 10.33 2.54 8.29
N TYR B 67 10.12 2.55 9.60
CA TYR B 67 10.20 3.78 10.36
C TYR B 67 10.93 3.61 11.69
N THR B 68 11.60 4.66 12.11
CA THR B 68 12.19 4.68 13.45
C THR B 68 12.04 6.07 14.07
N GLU B 69 11.71 6.13 15.34
CA GLU B 69 11.70 7.42 16.04
C GLU B 69 13.14 7.92 16.17
N PHE B 70 13.35 9.20 15.94
CA PHE B 70 14.68 9.79 16.06
C PHE B 70 14.61 11.28 16.36
N THR B 71 15.77 11.86 16.64
CA THR B 71 15.88 13.30 16.81
C THR B 71 17.00 13.83 15.95
N PRO B 72 16.63 14.58 14.90
CA PRO B 72 17.60 15.08 13.91
C PRO B 72 18.52 16.12 14.51
N THR B 73 19.76 16.17 14.01
CA THR B 73 20.72 17.19 14.40
C THR B 73 21.39 17.75 13.15
N GLU B 74 22.29 18.71 13.35
CA GLU B 74 22.96 19.39 12.25
C GLU B 74 23.93 18.48 11.50
N LYS B 75 24.68 17.68 12.24
CA LYS B 75 25.73 16.87 11.65
C LYS B 75 25.28 15.46 11.27
N ASP B 76 24.31 14.93 12.01
CA ASP B 76 23.85 13.55 11.83
C ASP B 76 23.28 13.27 10.44
N GLU B 77 23.95 12.37 9.71
CA GLU B 77 23.51 11.98 8.36
C GLU B 77 22.76 10.65 8.40
N TYR B 78 21.52 10.67 7.92
CA TYR B 78 20.70 9.46 7.90
C TYR B 78 20.49 8.99 6.48
N ALA B 79 20.31 7.69 6.32
CA ALA B 79 20.07 7.11 5.00
C ALA B 79 19.22 5.84 5.09
N CYS B 80 18.77 5.36 3.94
CA CYS B 80 18.03 4.11 3.86
C CYS B 80 18.72 3.17 2.88
N ARG B 81 18.96 1.94 3.31
CA ARG B 81 19.62 0.95 2.47
C ARG B 81 18.68 -0.19 2.12
N VAL B 82 18.50 -0.40 0.81
CA VAL B 82 17.52 -1.35 0.31
C VAL B 82 18.22 -2.54 -0.36
N ASN B 83 17.79 -3.73 0.03
CA ASN B 83 18.36 -4.99 -0.45
C ASN B 83 17.27 -5.79 -1.14
N HIS B 84 17.33 -5.82 -2.48
CA HIS B 84 16.30 -6.48 -3.25
C HIS B 84 16.93 -7.23 -4.43
N VAL B 85 16.32 -8.34 -4.81
CA VAL B 85 16.86 -9.20 -5.86
C VAL B 85 17.12 -8.44 -7.17
N THR B 86 16.43 -7.33 -7.39
CA THR B 86 16.60 -6.52 -8.59
C THR B 86 17.84 -5.62 -8.50
N LEU B 87 18.53 -5.69 -7.37
CA LEU B 87 19.70 -4.85 -7.16
C LEU B 87 20.93 -5.71 -6.93
N SER B 88 21.93 -5.56 -7.80
CA SER B 88 23.15 -6.33 -7.66
C SER B 88 23.84 -5.87 -6.40
N GLN B 89 23.78 -4.57 -6.19
CA GLN B 89 24.37 -3.91 -5.04
C GLN B 89 23.23 -3.22 -4.32
N PRO B 90 23.12 -3.39 -3.00
CA PRO B 90 22.04 -2.75 -2.25
C PRO B 90 22.04 -1.24 -2.43
N LYS B 91 20.87 -0.66 -2.68
CA LYS B 91 20.75 0.76 -2.97
C LYS B 91 20.75 1.59 -1.69
N ILE B 92 21.56 2.63 -1.68
CA ILE B 92 21.75 3.45 -0.50
C ILE B 92 21.32 4.90 -0.74
N VAL B 93 20.12 5.25 -0.31
CA VAL B 93 19.58 6.59 -0.52
C VAL B 93 19.74 7.47 0.70
N LYS B 94 20.56 8.51 0.58
CA LYS B 94 20.73 9.47 1.66
C LYS B 94 19.45 10.25 1.92
N TRP B 95 19.23 10.66 3.16
CA TRP B 95 18.08 11.50 3.50
C TRP B 95 18.34 12.96 3.15
N ASP B 96 17.40 13.57 2.45
CA ASP B 96 17.48 14.98 2.08
C ASP B 96 16.26 15.70 2.62
N ARG B 97 16.42 16.42 3.71
CA ARG B 97 15.28 16.99 4.44
C ARG B 97 14.47 18.00 3.63
N ASP B 98 15.01 18.43 2.50
CA ASP B 98 14.32 19.38 1.63
C ASP B 98 13.31 18.67 0.75
N MET B 99 13.39 17.34 0.72
CA MET B 99 12.55 16.51 -0.15
C MET B 99 11.90 15.36 0.63
N THR C 1 -15.86 -9.06 8.84
CA THR C 1 -14.82 -10.04 9.11
C THR C 1 -14.20 -10.54 7.81
N LEU C 2 -13.86 -11.82 7.79
CA LEU C 2 -13.22 -12.43 6.62
C LEU C 2 -14.19 -13.40 5.94
N THR C 3 -13.68 -14.20 5.00
CA THR C 3 -14.48 -15.17 4.29
C THR C 3 -14.14 -16.59 4.74
N SER C 4 -15.06 -17.53 4.49
CA SER C 4 -14.82 -18.92 4.82
C SER C 4 -14.49 -19.73 3.56
N CYS C 5 -14.50 -19.05 2.42
CA CYS C 5 -14.24 -19.70 1.13
C CYS C 5 -12.82 -20.26 1.01
N ASN C 6 -12.74 -21.58 0.88
CA ASN C 6 -11.45 -22.24 0.67
C ASN C 6 -11.53 -23.28 -0.44
N THR C 7 -10.92 -22.96 -1.57
CA THR C 7 -10.96 -23.86 -2.72
C THR C 7 -9.66 -23.81 -3.51
N SER C 8 -9.06 -24.97 -3.70
CA SER C 8 -7.80 -25.09 -4.43
C SER C 8 -7.97 -24.67 -5.88
N VAL C 9 -6.84 -24.41 -6.55
CA VAL C 9 -6.87 -24.01 -7.95
C VAL C 9 -6.40 -25.16 -8.83
#